data_9HPQ
#
_entry.id   9HPQ
#
_cell.length_a   82.418
_cell.length_b   86.315
_cell.length_c   91.132
_cell.angle_alpha   90
_cell.angle_beta   90
_cell.angle_gamma   90
#
_symmetry.space_group_name_H-M   'P 21 21 2'
#
loop_
_entity.id
_entity.type
_entity.pdbx_description
1 polymer 'Prolyl 4-hydroxylase subunit alpha-1'
2 polymer 'Synthetic peptide PRO-PRO-GLY-PRO-ARG-GLY-PRO-PRO-GLY'
3 non-polymer 'MAGNESIUM ION'
4 non-polymer (4S)-2-METHYL-2,4-PENTANEDIOL
5 non-polymer '3[N-MORPHOLINO]PROPANE SULFONIC ACID'
6 non-polymer GLYCINE
7 water water
#
loop_
_entity_poly.entity_id
_entity_poly.type
_entity_poly.pdbx_seq_one_letter_code
_entity_poly.pdbx_strand_id
1 'polypeptide(L)'
;MSFLTAEDCFELGKVAYTEADYYHTELWMEQALRQLDEGEISTIDKVSVLDYLSYAVYQQGDLDKALLLTKKLLELDPEH
QRANGNLKYFEYIMAKELEHHHHHH
;
A,B,C,D
2 'polypeptide(L)' PPGPRGPPG E,F,G
#
loop_
_chem_comp.id
_chem_comp.type
_chem_comp.name
_chem_comp.formula
MG non-polymer 'MAGNESIUM ION' 'Mg 2'
MPD non-polymer (4S)-2-METHYL-2,4-PENTANEDIOL 'C6 H14 O2'
MPO non-polymer '3[N-MORPHOLINO]PROPANE SULFONIC ACID' 'C7 H15 N O4 S'
#
# COMPACT_ATOMS: atom_id res chain seq x y z
N PHE A 3 29.85 3.95 -6.19
CA PHE A 3 28.36 4.11 -6.12
C PHE A 3 27.92 3.96 -4.67
N LEU A 4 27.10 4.92 -4.21
CA LEU A 4 26.66 5.02 -2.82
C LEU A 4 25.16 4.76 -2.82
N THR A 5 24.61 4.15 -1.76
CA THR A 5 23.19 3.88 -1.73
C THR A 5 22.45 5.18 -1.42
N ALA A 6 21.14 5.20 -1.72
CA ALA A 6 20.30 6.31 -1.34
C ALA A 6 20.42 6.60 0.16
N GLU A 7 20.48 5.52 0.94
CA GLU A 7 20.63 5.61 2.38
C GLU A 7 21.95 6.29 2.75
N ASP A 8 23.04 5.94 2.07
CA ASP A 8 24.32 6.61 2.31
C ASP A 8 24.21 8.11 2.03
N CYS A 9 23.62 8.45 0.87
CA CYS A 9 23.46 9.85 0.48
C CYS A 9 22.62 10.59 1.52
N PHE A 10 21.56 9.96 2.02
CA PHE A 10 20.70 10.59 2.99
C PHE A 10 21.43 10.83 4.30
N GLU A 11 22.22 9.84 4.76
CA GLU A 11 22.99 9.98 5.99
C GLU A 11 23.98 11.14 5.86
N LEU A 12 24.66 11.22 4.71
CA LEU A 12 25.58 12.31 4.45
C LEU A 12 24.88 13.67 4.45
N GLY A 13 23.67 13.72 3.89
CA GLY A 13 22.93 14.97 3.87
C GLY A 13 22.53 15.42 5.27
N LYS A 14 22.26 14.45 6.15
CA LYS A 14 21.95 14.74 7.55
C LYS A 14 23.20 15.29 8.24
N VAL A 15 24.38 14.79 7.89
CA VAL A 15 25.62 15.34 8.43
C VAL A 15 25.74 16.80 8.00
N ALA A 16 25.55 17.06 6.68
CA ALA A 16 25.62 18.42 6.18
C ALA A 16 24.64 19.33 6.91
N TYR A 17 23.41 18.83 7.10
CA TYR A 17 22.35 19.64 7.68
C TYR A 17 22.64 20.01 9.14
N THR A 18 23.17 19.05 9.89
CA THR A 18 23.43 19.28 11.30
C THR A 18 24.54 20.32 11.45
N GLU A 19 25.37 20.55 10.42
CA GLU A 19 26.38 21.61 10.43
C GLU A 19 25.91 22.89 9.75
N ALA A 20 24.63 22.99 9.41
CA ALA A 20 24.05 24.13 8.69
C ALA A 20 24.82 24.36 7.39
N ASP A 21 25.22 23.26 6.73
CA ASP A 21 25.74 23.29 5.37
C ASP A 21 24.59 22.98 4.41
N TYR A 22 23.77 24.00 4.13
CA TYR A 22 22.50 23.78 3.45
C TYR A 22 22.67 23.52 1.96
N TYR A 23 23.83 23.88 1.41
CA TYR A 23 24.11 23.60 0.02
C TYR A 23 24.44 22.13 -0.15
N HIS A 24 25.35 21.62 0.70
CA HIS A 24 25.66 20.20 0.60
C HIS A 24 24.47 19.34 1.01
N THR A 25 23.62 19.83 1.91
CA THR A 25 22.40 19.12 2.25
C THR A 25 21.60 18.88 0.97
N GLU A 26 21.43 19.92 0.15
CA GLU A 26 20.73 19.86 -1.12
C GLU A 26 21.41 18.88 -2.09
N LEU A 27 22.73 18.95 -2.24
CA LEU A 27 23.41 18.02 -3.13
C LEU A 27 23.14 16.55 -2.75
N TRP A 28 23.28 16.22 -1.46
CA TRP A 28 23.18 14.83 -1.04
C TRP A 28 21.74 14.33 -1.12
N MET A 29 20.81 15.16 -0.63
CA MET A 29 19.40 14.79 -0.57
C MET A 29 18.86 14.63 -1.99
N GLU A 30 19.27 15.50 -2.91
CA GLU A 30 18.79 15.40 -4.29
C GLU A 30 19.32 14.13 -4.96
N GLN A 31 20.55 13.76 -4.60
CA GLN A 31 21.13 12.52 -5.10
C GLN A 31 20.31 11.32 -4.59
N ALA A 32 19.94 11.36 -3.30
CA ALA A 32 19.17 10.28 -2.72
C ALA A 32 17.81 10.17 -3.41
N LEU A 33 17.18 11.32 -3.66
CA LEU A 33 15.88 11.39 -4.26
C LEU A 33 15.92 10.86 -5.69
N ARG A 34 17.03 11.14 -6.39
CA ARG A 34 17.16 10.72 -7.77
C ARG A 34 17.20 9.19 -7.85
N GLN A 35 17.93 8.57 -6.90
CA GLN A 35 18.12 7.14 -6.92
C GLN A 35 16.81 6.43 -6.58
N LEU A 36 16.06 6.97 -5.62
CA LEU A 36 14.76 6.41 -5.29
C LEU A 36 13.81 6.54 -6.48
N ASP A 37 13.87 7.66 -7.21
CA ASP A 37 12.98 7.92 -8.33
C ASP A 37 13.26 6.95 -9.48
N GLU A 38 14.50 6.45 -9.59
CA GLU A 38 14.84 5.42 -10.56
C GLU A 38 14.51 4.02 -10.02
N GLY A 39 13.95 3.94 -8.80
CA GLY A 39 13.41 2.69 -8.26
C GLY A 39 14.43 1.88 -7.45
N GLU A 40 15.45 2.51 -6.85
CA GLU A 40 16.35 1.82 -5.93
C GLU A 40 15.59 1.35 -4.70
N ILE A 41 15.84 0.10 -4.31
CA ILE A 41 15.25 -0.48 -3.11
C ILE A 41 16.05 0.01 -1.91
N SER A 42 15.36 0.62 -0.94
CA SER A 42 15.99 1.36 0.14
C SER A 42 14.99 1.46 1.29
N THR A 43 15.52 1.60 2.51
CA THR A 43 14.68 1.74 3.69
C THR A 43 14.41 3.20 4.01
N ILE A 44 15.08 4.15 3.34
CA ILE A 44 14.77 5.55 3.59
C ILE A 44 13.48 5.90 2.86
N ASP A 45 12.69 6.84 3.40
CA ASP A 45 11.48 7.23 2.71
C ASP A 45 11.62 8.66 2.18
N LYS A 46 11.01 8.86 1.01
CA LYS A 46 11.13 10.11 0.28
C LYS A 46 10.66 11.27 1.14
N VAL A 47 9.65 11.07 2.00
CA VAL A 47 9.09 12.17 2.77
C VAL A 47 10.17 12.80 3.65
N SER A 48 11.00 11.99 4.30
CA SER A 48 12.00 12.53 5.21
C SER A 48 13.09 13.24 4.41
N VAL A 49 13.46 12.68 3.25
CA VAL A 49 14.40 13.33 2.36
C VAL A 49 13.91 14.73 1.97
N LEU A 50 12.62 14.83 1.58
CA LEU A 50 12.03 16.08 1.14
C LEU A 50 11.92 17.08 2.30
N ASP A 51 11.74 16.56 3.51
CA ASP A 51 11.68 17.40 4.71
C ASP A 51 12.99 18.18 4.88
N TYR A 52 14.12 17.47 4.84
CA TYR A 52 15.44 18.09 4.94
C TYR A 52 15.68 19.00 3.72
N LEU A 53 15.35 18.50 2.53
CA LEU A 53 15.66 19.21 1.30
C LEU A 53 14.89 20.53 1.23
N SER A 54 13.61 20.53 1.55
CA SER A 54 12.82 21.75 1.53
C SER A 54 13.38 22.80 2.48
N TYR A 55 13.78 22.40 3.69
CA TYR A 55 14.34 23.37 4.61
C TYR A 55 15.67 23.94 4.08
N ALA A 56 16.52 23.06 3.58
CA ALA A 56 17.81 23.47 3.05
C ALA A 56 17.64 24.49 1.93
N VAL A 57 16.66 24.27 1.06
CA VAL A 57 16.45 25.15 -0.07
C VAL A 57 15.89 26.49 0.42
N TYR A 58 15.02 26.46 1.44
CA TYR A 58 14.53 27.69 2.07
C TYR A 58 15.71 28.53 2.59
N GLN A 59 16.66 27.88 3.29
CA GLN A 59 17.79 28.59 3.87
C GLN A 59 18.61 29.26 2.79
N GLN A 60 18.63 28.67 1.57
CA GLN A 60 19.37 29.25 0.48
C GLN A 60 18.64 30.43 -0.12
N GLY A 61 17.43 30.72 0.33
CA GLY A 61 16.66 31.85 -0.19
C GLY A 61 15.79 31.51 -1.41
N ASP A 62 15.75 30.23 -1.84
CA ASP A 62 15.01 29.84 -3.03
CA ASP A 62 15.00 29.84 -3.04
C ASP A 62 13.59 29.42 -2.64
N LEU A 63 12.73 30.42 -2.44
CA LEU A 63 11.41 30.21 -1.86
C LEU A 63 10.49 29.43 -2.79
N ASP A 64 10.52 29.71 -4.10
CA ASP A 64 9.69 29.01 -5.06
C ASP A 64 10.00 27.51 -5.01
N LYS A 65 11.29 27.16 -5.01
CA LYS A 65 11.68 25.76 -4.99
C LYS A 65 11.30 25.13 -3.65
N ALA A 66 11.36 25.88 -2.55
CA ALA A 66 11.03 25.32 -1.25
C ALA A 66 9.54 25.00 -1.19
N LEU A 67 8.71 25.87 -1.75
CA LEU A 67 7.28 25.61 -1.76
C LEU A 67 6.98 24.38 -2.64
N LEU A 68 7.63 24.28 -3.79
CA LEU A 68 7.43 23.13 -4.66
C LEU A 68 7.74 21.83 -3.92
N LEU A 69 8.88 21.78 -3.21
CA LEU A 69 9.29 20.57 -2.51
C LEU A 69 8.33 20.28 -1.36
N THR A 70 7.81 21.33 -0.74
CA THR A 70 6.84 21.18 0.34
C THR A 70 5.57 20.56 -0.21
N LYS A 71 5.15 20.99 -1.40
CA LYS A 71 3.97 20.42 -2.05
C LYS A 71 4.24 18.96 -2.40
N LYS A 72 5.43 18.64 -2.89
CA LYS A 72 5.76 17.27 -3.20
C LYS A 72 5.69 16.41 -1.94
N LEU A 73 6.14 16.95 -0.81
CA LEU A 73 6.15 16.20 0.44
C LEU A 73 4.70 15.91 0.85
N LEU A 74 3.83 16.91 0.73
CA LEU A 74 2.45 16.80 1.18
C LEU A 74 1.63 15.88 0.28
N GLU A 75 2.01 15.71 -0.99
CA GLU A 75 1.35 14.74 -1.85
C GLU A 75 1.58 13.34 -1.28
N LEU A 76 2.79 13.10 -0.75
CA LEU A 76 3.14 11.78 -0.24
C LEU A 76 2.64 11.56 1.19
N ASP A 77 2.59 12.64 1.99
CA ASP A 77 2.15 12.57 3.38
C ASP A 77 1.32 13.81 3.70
N PRO A 78 0.01 13.79 3.37
CA PRO A 78 -0.83 14.97 3.55
C PRO A 78 -0.95 15.46 5.00
N GLU A 79 -0.63 14.60 5.98
CA GLU A 79 -0.83 14.95 7.38
C GLU A 79 0.43 15.53 8.01
N HIS A 80 1.52 15.65 7.23
CA HIS A 80 2.80 16.06 7.81
C HIS A 80 2.62 17.43 8.47
N GLN A 81 2.91 17.50 9.77
CA GLN A 81 2.49 18.64 10.56
C GLN A 81 3.33 19.86 10.24
N ARG A 82 4.66 19.67 10.18
CA ARG A 82 5.58 20.74 9.90
C ARG A 82 5.46 21.21 8.45
N ALA A 83 5.32 20.27 7.49
CA ALA A 83 5.22 20.64 6.08
C ALA A 83 3.94 21.45 5.87
N ASN A 84 2.86 21.08 6.57
CA ASN A 84 1.62 21.84 6.56
C ASN A 84 1.85 23.25 7.10
N GLY A 85 2.62 23.34 8.19
CA GLY A 85 2.99 24.62 8.75
C GLY A 85 3.74 25.47 7.74
N ASN A 86 4.73 24.86 7.08
CA ASN A 86 5.57 25.57 6.13
C ASN A 86 4.77 26.02 4.91
N LEU A 87 3.82 25.18 4.48
CA LEU A 87 2.98 25.55 3.35
C LEU A 87 2.18 26.79 3.68
N LYS A 88 1.56 26.84 4.86
CA LYS A 88 0.77 27.98 5.26
C LYS A 88 1.62 29.26 5.27
N TYR A 89 2.87 29.13 5.69
CA TYR A 89 3.77 30.26 5.73
C TYR A 89 4.04 30.77 4.30
N PHE A 90 4.43 29.86 3.39
CA PHE A 90 4.74 30.25 2.01
C PHE A 90 3.50 30.85 1.34
N GLU A 91 2.33 30.30 1.62
CA GLU A 91 1.11 30.79 1.00
C GLU A 91 0.81 32.21 1.49
N TYR A 92 1.17 32.49 2.75
CA TYR A 92 0.92 33.81 3.31
C TYR A 92 1.79 34.84 2.58
N ILE A 93 3.09 34.52 2.44
CA ILE A 93 4.05 35.42 1.82
C ILE A 93 3.60 35.71 0.36
N MET A 94 3.21 34.66 -0.34
CA MET A 94 2.77 34.81 -1.72
C MET A 94 1.50 35.66 -1.81
N ALA A 95 0.54 35.46 -0.89
CA ALA A 95 -0.70 36.24 -0.92
C ALA A 95 -0.39 37.74 -0.70
N LYS A 96 0.59 38.03 0.18
CA LYS A 96 1.01 39.41 0.42
C LYS A 96 1.58 40.03 -0.85
N GLU A 97 2.45 39.29 -1.55
CA GLU A 97 3.10 39.80 -2.75
C GLU A 97 2.03 40.10 -3.82
N LEU A 98 1.02 39.24 -3.91
CA LEU A 98 -0.04 39.41 -4.88
C LEU A 98 -0.97 40.55 -4.47
N GLU A 99 -1.24 40.68 -3.17
CA GLU A 99 -1.96 41.82 -2.63
C GLU A 99 -1.24 43.11 -3.02
N HIS A 100 0.10 43.11 -2.96
CA HIS A 100 0.90 44.28 -3.29
C HIS A 100 0.73 44.64 -4.76
N HIS A 101 0.89 43.67 -5.66
CA HIS A 101 0.80 43.90 -7.10
C HIS A 101 -0.58 44.43 -7.50
N HIS A 102 -1.65 44.01 -6.80
CA HIS A 102 -3.01 44.47 -7.09
C HIS A 102 -3.27 45.89 -6.59
N HIS A 103 -2.48 46.36 -5.61
CA HIS A 103 -2.69 47.69 -5.04
C HIS A 103 -1.74 48.70 -5.68
N HIS A 104 -0.82 48.22 -6.51
CA HIS A 104 0.18 49.07 -7.15
C HIS A 104 0.17 48.84 -8.67
N SER B 2 4.01 27.62 -30.26
CA SER B 2 3.35 28.15 -29.04
C SER B 2 3.68 27.21 -27.87
N PHE B 3 3.64 27.76 -26.66
CA PHE B 3 3.81 26.94 -25.47
C PHE B 3 2.62 25.97 -25.37
N LEU B 4 2.89 24.68 -25.09
CA LEU B 4 1.85 23.76 -24.64
C LEU B 4 1.91 23.61 -23.13
N THR B 5 0.75 23.85 -22.47
CA THR B 5 0.64 23.72 -21.03
C THR B 5 0.68 22.23 -20.69
N ALA B 6 0.93 21.92 -19.42
CA ALA B 6 0.87 20.55 -18.96
C ALA B 6 -0.48 19.93 -19.32
N GLU B 7 -1.54 20.72 -19.17
CA GLU B 7 -2.88 20.26 -19.50
C GLU B 7 -3.00 19.94 -21.00
N ASP B 8 -2.43 20.78 -21.86
CA ASP B 8 -2.41 20.50 -23.29
C ASP B 8 -1.69 19.18 -23.57
N CYS B 9 -0.49 19.02 -22.96
CA CYS B 9 0.28 17.79 -23.15
C CYS B 9 -0.52 16.57 -22.68
N PHE B 10 -1.24 16.68 -21.58
CA PHE B 10 -2.01 15.57 -21.05
C PHE B 10 -3.15 15.21 -22.01
N GLU B 11 -3.85 16.23 -22.54
CA GLU B 11 -4.94 16.00 -23.46
C GLU B 11 -4.42 15.32 -24.72
N LEU B 12 -3.27 15.79 -25.23
CA LEU B 12 -2.67 15.17 -26.40
C LEU B 12 -2.25 13.72 -26.12
N GLY B 13 -1.78 13.44 -24.89
CA GLY B 13 -1.40 12.08 -24.58
C GLY B 13 -2.61 11.13 -24.56
N LYS B 14 -3.76 11.68 -24.13
CA LYS B 14 -5.01 10.94 -24.15
C LYS B 14 -5.43 10.64 -25.60
N VAL B 15 -5.19 11.60 -26.51
CA VAL B 15 -5.48 11.37 -27.91
C VAL B 15 -4.59 10.24 -28.41
N ALA B 16 -3.28 10.32 -28.15
CA ALA B 16 -2.36 9.26 -28.54
C ALA B 16 -2.83 7.91 -27.99
N TYR B 17 -3.24 7.86 -26.73
CA TYR B 17 -3.59 6.60 -26.10
C TYR B 17 -4.84 5.97 -26.73
N THR B 18 -5.83 6.81 -27.03
CA THR B 18 -7.07 6.38 -27.66
C THR B 18 -6.78 5.74 -29.02
N GLU B 19 -5.68 6.12 -29.69
CA GLU B 19 -5.29 5.55 -30.97
C GLU B 19 -4.21 4.46 -30.84
N ALA B 20 -3.96 4.00 -29.61
CA ALA B 20 -2.98 2.96 -29.35
C ALA B 20 -1.61 3.40 -29.87
N ASP B 21 -1.32 4.69 -29.75
CA ASP B 21 0.02 5.22 -30.01
C ASP B 21 0.73 5.33 -28.65
N TYR B 22 1.27 4.22 -28.17
CA TYR B 22 1.70 4.14 -26.78
C TYR B 22 3.05 4.82 -26.59
N TYR B 23 3.79 5.04 -27.67
CA TYR B 23 5.04 5.76 -27.54
C TYR B 23 4.74 7.25 -27.43
N HIS B 24 3.90 7.77 -28.29
CA HIS B 24 3.48 9.16 -28.17
C HIS B 24 2.76 9.43 -26.86
N THR B 25 1.98 8.48 -26.34
CA THR B 25 1.35 8.62 -25.05
C THR B 25 2.43 8.92 -24.00
N GLU B 26 3.50 8.12 -24.01
CA GLU B 26 4.64 8.29 -23.12
C GLU B 26 5.30 9.67 -23.31
N LEU B 27 5.58 10.09 -24.56
CA LEU B 27 6.18 11.38 -24.80
C LEU B 27 5.36 12.51 -24.19
N TRP B 28 4.05 12.53 -24.44
CA TRP B 28 3.21 13.63 -24.02
C TRP B 28 3.06 13.64 -22.50
N MET B 29 2.80 12.47 -21.91
CA MET B 29 2.53 12.36 -20.49
C MET B 29 3.80 12.72 -19.72
N GLU B 30 4.96 12.29 -20.19
CA GLU B 30 6.22 12.58 -19.53
C GLU B 30 6.52 14.06 -19.61
N GLN B 31 6.15 14.69 -20.73
CA GLN B 31 6.33 16.12 -20.86
C GLN B 31 5.42 16.85 -19.87
N ALA B 32 4.19 16.37 -19.70
CA ALA B 32 3.28 16.96 -18.72
C ALA B 32 3.88 16.83 -17.31
N LEU B 33 4.41 15.66 -16.97
CA LEU B 33 4.99 15.43 -15.65
C LEU B 33 6.22 16.31 -15.45
N ARG B 34 7.00 16.53 -16.51
CA ARG B 34 8.21 17.34 -16.40
C ARG B 34 7.83 18.77 -16.05
N GLN B 35 6.77 19.28 -16.68
CA GLN B 35 6.36 20.66 -16.48
C GLN B 35 5.81 20.84 -15.06
N LEU B 36 5.06 19.87 -14.56
CA LEU B 36 4.58 19.92 -13.19
C LEU B 36 5.75 19.90 -12.21
N ASP B 37 6.77 19.07 -12.49
CA ASP B 37 7.91 18.92 -11.61
C ASP B 37 8.72 20.22 -11.52
N GLU B 38 8.69 21.04 -12.58
CA GLU B 38 9.31 22.35 -12.58
C GLU B 38 8.37 23.40 -11.96
N GLY B 39 7.20 22.98 -11.46
CA GLY B 39 6.32 23.84 -10.68
C GLY B 39 5.29 24.62 -11.51
N GLU B 40 4.89 24.11 -12.67
CA GLU B 40 3.77 24.69 -13.42
C GLU B 40 2.48 24.52 -12.61
N ILE B 41 1.71 25.59 -12.47
CA ILE B 41 0.38 25.54 -11.88
C ILE B 41 -0.58 25.01 -12.93
N SER B 42 -1.31 23.95 -12.58
CA SER B 42 -2.10 23.21 -13.55
C SER B 42 -3.29 22.56 -12.88
N THR B 43 -4.32 22.21 -13.67
CA THR B 43 -5.53 21.57 -13.17
C THR B 43 -5.38 20.05 -13.22
N ILE B 44 -4.37 19.52 -13.91
CA ILE B 44 -4.31 18.08 -14.09
C ILE B 44 -3.81 17.42 -12.81
N ASP B 45 -4.20 16.17 -12.54
CA ASP B 45 -3.56 15.51 -11.40
C ASP B 45 -2.63 14.41 -11.88
N LYS B 46 -1.47 14.38 -11.22
CA LYS B 46 -0.42 13.43 -11.51
C LYS B 46 -0.94 11.98 -11.54
N VAL B 47 -1.92 11.64 -10.71
CA VAL B 47 -2.36 10.25 -10.61
C VAL B 47 -2.91 9.79 -11.97
N SER B 48 -3.72 10.63 -12.62
CA SER B 48 -4.31 10.25 -13.89
C SER B 48 -3.24 10.18 -14.98
N VAL B 49 -2.28 11.10 -14.94
CA VAL B 49 -1.14 11.07 -15.85
C VAL B 49 -0.39 9.74 -15.74
N LEU B 50 -0.12 9.30 -14.49
CA LEU B 50 0.61 8.08 -14.23
C LEU B 50 -0.21 6.85 -14.64
N ASP B 51 -1.53 6.95 -14.54
CA ASP B 51 -2.42 5.87 -14.93
C ASP B 51 -2.24 5.58 -16.44
N TYR B 52 -2.32 6.62 -17.30
CA TYR B 52 -2.08 6.48 -18.72
C TYR B 52 -0.65 6.04 -19.01
N LEU B 53 0.30 6.69 -18.34
CA LEU B 53 1.72 6.45 -18.62
C LEU B 53 2.11 5.01 -18.29
N SER B 54 1.68 4.50 -17.13
CA SER B 54 2.00 3.13 -16.75
C SER B 54 1.48 2.13 -17.79
N TYR B 55 0.25 2.31 -18.28
CA TYR B 55 -0.27 1.38 -19.26
C TYR B 55 0.53 1.47 -20.57
N ALA B 56 0.82 2.69 -21.02
CA ALA B 56 1.53 2.88 -22.25
C ALA B 56 2.89 2.19 -22.21
N VAL B 57 3.56 2.28 -21.05
CA VAL B 57 4.88 1.70 -20.91
C VAL B 57 4.78 0.18 -20.88
N TYR B 58 3.72 -0.36 -20.26
CA TYR B 58 3.45 -1.79 -20.31
C TYR B 58 3.33 -2.27 -21.76
N GLN B 59 2.57 -1.54 -22.57
CA GLN B 59 2.35 -1.92 -23.96
C GLN B 59 3.66 -1.98 -24.72
N GLN B 60 4.62 -1.12 -24.34
CA GLN B 60 5.92 -1.11 -24.97
C GLN B 60 6.78 -2.28 -24.53
N GLY B 61 6.30 -3.08 -23.57
CA GLY B 61 7.04 -4.24 -23.07
C GLY B 61 8.02 -3.90 -21.96
N ASP B 62 8.03 -2.65 -21.44
CA ASP B 62 8.96 -2.26 -20.39
C ASP B 62 8.29 -2.49 -19.03
N LEU B 63 8.32 -3.74 -18.56
CA LEU B 63 7.55 -4.16 -17.41
C LEU B 63 8.12 -3.57 -16.11
N ASP B 64 9.43 -3.49 -15.99
CA ASP B 64 10.08 -2.89 -14.84
C ASP B 64 9.61 -1.45 -14.67
N LYS B 65 9.63 -0.68 -15.76
CA LYS B 65 9.25 0.71 -15.71
C LYS B 65 7.75 0.85 -15.41
N ALA B 66 6.93 -0.09 -15.91
CA ALA B 66 5.50 -0.01 -15.67
C ALA B 66 5.21 -0.25 -14.19
N LEU B 67 5.92 -1.19 -13.58
CA LEU B 67 5.75 -1.45 -12.17
C LEU B 67 6.17 -0.22 -11.34
N LEU B 68 7.31 0.36 -11.70
CA LEU B 68 7.77 1.55 -11.01
C LEU B 68 6.71 2.66 -11.05
N LEU B 69 6.14 2.93 -12.23
CA LEU B 69 5.15 4.00 -12.39
C LEU B 69 3.89 3.68 -11.61
N THR B 70 3.55 2.39 -11.56
CA THR B 70 2.40 1.95 -10.79
C THR B 70 2.65 2.21 -9.30
N LYS B 71 3.86 1.94 -8.83
CA LYS B 71 4.22 2.21 -7.44
C LYS B 71 4.16 3.72 -7.17
N LYS B 72 4.63 4.53 -8.12
CA LYS B 72 4.59 5.98 -7.93
C LYS B 72 3.13 6.43 -7.83
N LEU B 73 2.26 5.83 -8.63
CA LEU B 73 0.85 6.21 -8.63
C LEU B 73 0.25 5.88 -7.26
N LEU B 74 0.58 4.72 -6.72
CA LEU B 74 -0.01 4.23 -5.48
C LEU B 74 0.51 5.01 -4.27
N GLU B 75 1.71 5.59 -4.34
CA GLU B 75 2.17 6.47 -3.27
C GLU B 75 1.24 7.69 -3.19
N LEU B 76 0.76 8.17 -4.35
CA LEU B 76 -0.07 9.37 -4.37
C LEU B 76 -1.53 9.05 -4.12
N ASP B 77 -1.99 7.85 -4.54
CA ASP B 77 -3.36 7.42 -4.35
C ASP B 77 -3.37 5.94 -3.99
N PRO B 78 -3.20 5.58 -2.71
CA PRO B 78 -3.10 4.19 -2.31
C PRO B 78 -4.32 3.33 -2.63
N GLU B 79 -5.48 3.97 -2.83
CA GLU B 79 -6.72 3.23 -2.99
C GLU B 79 -7.05 3.00 -4.46
N HIS B 80 -6.19 3.45 -5.39
CA HIS B 80 -6.51 3.39 -6.81
C HIS B 80 -6.77 1.93 -7.19
N GLN B 81 -7.96 1.66 -7.71
CA GLN B 81 -8.45 0.29 -7.84
C GLN B 81 -7.68 -0.43 -8.95
N ARG B 82 -7.57 0.22 -10.12
CA ARG B 82 -6.91 -0.37 -11.25
C ARG B 82 -5.41 -0.49 -11.01
N ALA B 83 -4.78 0.52 -10.41
CA ALA B 83 -3.34 0.49 -10.17
C ALA B 83 -3.03 -0.63 -9.19
N ASN B 84 -3.88 -0.84 -8.19
CA ASN B 84 -3.73 -1.96 -7.27
C ASN B 84 -3.84 -3.29 -8.02
N GLY B 85 -4.80 -3.36 -8.96
CA GLY B 85 -4.94 -4.53 -9.81
C GLY B 85 -3.65 -4.78 -10.61
N ASN B 86 -3.14 -3.71 -11.22
CA ASN B 86 -1.98 -3.81 -12.08
C ASN B 86 -0.74 -4.20 -11.29
N LEU B 87 -0.61 -3.70 -10.06
CA LEU B 87 0.52 -4.03 -9.22
C LEU B 87 0.54 -5.53 -8.98
N LYS B 88 -0.62 -6.08 -8.59
CA LYS B 88 -0.72 -7.51 -8.31
C LYS B 88 -0.32 -8.32 -9.54
N TYR B 89 -0.72 -7.85 -10.72
CA TYR B 89 -0.40 -8.55 -11.96
C TYR B 89 1.12 -8.54 -12.20
N PHE B 90 1.77 -7.37 -12.12
CA PHE B 90 3.21 -7.28 -12.35
C PHE B 90 3.98 -8.10 -11.33
N GLU B 91 3.52 -8.11 -10.07
CA GLU B 91 4.22 -8.85 -9.04
C GLU B 91 4.11 -10.35 -9.33
N TYR B 92 2.97 -10.77 -9.91
CA TYR B 92 2.73 -12.17 -10.21
C TYR B 92 3.70 -12.61 -11.29
N ILE B 93 3.83 -11.81 -12.37
CA ILE B 93 4.70 -12.14 -13.50
C ILE B 93 6.14 -12.30 -13.02
N MET B 94 6.59 -11.34 -12.20
CA MET B 94 7.95 -11.38 -11.69
C MET B 94 8.17 -12.62 -10.84
N ALA B 95 7.20 -12.92 -9.95
CA ALA B 95 7.35 -14.05 -9.04
C ALA B 95 7.44 -15.36 -9.82
N LYS B 96 6.67 -15.47 -10.92
CA LYS B 96 6.66 -16.68 -11.73
C LYS B 96 8.02 -16.86 -12.40
N GLU B 97 8.58 -15.77 -12.94
CA GLU B 97 9.85 -15.87 -13.63
C GLU B 97 10.95 -16.31 -12.66
N LEU B 98 10.88 -15.79 -11.44
CA LEU B 98 11.87 -16.12 -10.42
C LEU B 98 11.66 -17.55 -9.90
N GLU B 99 10.39 -17.95 -9.76
CA GLU B 99 10.06 -19.32 -9.41
C GLU B 99 10.65 -20.28 -10.45
N HIS B 100 10.59 -19.88 -11.73
CA HIS B 100 11.10 -20.71 -12.82
C HIS B 100 12.62 -20.87 -12.67
N HIS B 101 13.34 -19.76 -12.51
CA HIS B 101 14.80 -19.78 -12.44
C HIS B 101 15.30 -20.63 -11.27
N HIS B 102 14.57 -20.67 -10.15
CA HIS B 102 14.88 -21.62 -9.08
C HIS B 102 14.54 -23.04 -9.55
N PHE C 3 -8.41 -23.78 30.20
CA PHE C 3 -8.49 -23.00 28.93
C PHE C 3 -7.69 -21.71 29.11
N LEU C 4 -6.83 -21.40 28.13
CA LEU C 4 -6.19 -20.10 28.03
C LEU C 4 -6.89 -19.23 26.97
N THR C 5 -7.16 -17.97 27.34
CA THR C 5 -7.71 -17.00 26.40
C THR C 5 -6.63 -16.59 25.43
N ALA C 6 -7.01 -15.99 24.30
CA ALA C 6 -6.04 -15.44 23.36
C ALA C 6 -5.11 -14.47 24.08
N GLU C 7 -5.68 -13.68 24.97
CA GLU C 7 -4.92 -12.71 25.76
C GLU C 7 -3.90 -13.42 26.64
N ASP C 8 -4.28 -14.54 27.28
CA ASP C 8 -3.34 -15.33 28.05
C ASP C 8 -2.19 -15.82 27.17
N CYS C 9 -2.55 -16.38 26.00
CA CYS C 9 -1.54 -16.89 25.09
C CYS C 9 -0.58 -15.78 24.66
N PHE C 10 -1.12 -14.58 24.38
CA PHE C 10 -0.30 -13.46 23.97
C PHE C 10 0.66 -13.04 25.08
N GLU C 11 0.16 -12.96 26.32
CA GLU C 11 0.99 -12.58 27.47
C GLU C 11 2.11 -13.59 27.65
N LEU C 12 1.78 -14.88 27.56
CA LEU C 12 2.78 -15.92 27.68
C LEU C 12 3.82 -15.85 26.54
N GLY C 13 3.38 -15.49 25.33
CA GLY C 13 4.32 -15.36 24.23
C GLY C 13 5.31 -14.20 24.45
N LYS C 14 4.83 -13.15 25.11
CA LYS C 14 5.69 -12.02 25.49
C LYS C 14 6.71 -12.44 26.54
N VAL C 15 6.30 -13.32 27.47
CA VAL C 15 7.22 -13.87 28.45
C VAL C 15 8.30 -14.68 27.71
N ALA C 16 7.88 -15.56 26.78
CA ALA C 16 8.83 -16.33 26.00
C ALA C 16 9.80 -15.40 25.26
N TYR C 17 9.28 -14.34 24.66
CA TYR C 17 10.08 -13.47 23.84
C TYR C 17 11.13 -12.72 24.65
N THR C 18 10.75 -12.28 25.85
CA THR C 18 11.65 -11.51 26.69
C THR C 18 12.82 -12.39 27.14
N GLU C 19 12.67 -13.71 27.12
CA GLU C 19 13.73 -14.65 27.45
C GLU C 19 14.44 -15.19 26.21
N ALA C 20 14.16 -14.62 25.02
CA ALA C 20 14.73 -15.09 23.76
C ALA C 20 14.42 -16.58 23.55
N ASP C 21 13.21 -16.96 23.95
CA ASP C 21 12.69 -18.30 23.69
C ASP C 21 11.81 -18.21 22.45
N TYR C 22 12.42 -18.20 21.26
CA TYR C 22 11.70 -17.78 20.07
C TYR C 22 10.83 -18.91 19.52
N TYR C 23 11.08 -20.14 19.96
CA TYR C 23 10.22 -21.24 19.58
C TYR C 23 8.93 -21.17 20.40
N HIS C 24 9.05 -21.00 21.71
CA HIS C 24 7.84 -20.86 22.50
C HIS C 24 7.07 -19.59 22.15
N THR C 25 7.77 -18.52 21.76
CA THR C 25 7.10 -17.31 21.30
C THR C 25 6.18 -17.69 20.13
N GLU C 26 6.70 -18.46 19.17
CA GLU C 26 5.92 -18.94 18.03
C GLU C 26 4.73 -19.79 18.48
N LEU C 27 4.94 -20.76 19.38
CA LEU C 27 3.84 -21.60 19.84
C LEU C 27 2.70 -20.75 20.42
N TRP C 28 3.03 -19.80 21.30
CA TRP C 28 2.00 -19.06 22.02
C TRP C 28 1.29 -18.09 21.09
N MET C 29 2.05 -17.37 20.28
CA MET C 29 1.52 -16.35 19.40
C MET C 29 0.66 -17.01 18.34
N GLU C 30 1.08 -18.17 17.81
CA GLU C 30 0.28 -18.87 16.81
C GLU C 30 -1.03 -19.35 17.43
N GLN C 31 -0.98 -19.77 18.70
CA GLN C 31 -2.18 -20.20 19.40
CA GLN C 31 -2.18 -20.21 19.40
C GLN C 31 -3.14 -19.02 19.56
N ALA C 32 -2.59 -17.85 19.91
CA ALA C 32 -3.39 -16.65 20.08
C ALA C 32 -4.06 -16.28 18.75
N LEU C 33 -3.29 -16.35 17.65
CA LEU C 33 -3.78 -16.02 16.32
C LEU C 33 -4.86 -16.99 15.90
N ARG C 34 -4.71 -18.27 16.27
CA ARG C 34 -5.69 -19.28 15.89
C ARG C 34 -7.03 -18.97 16.55
N GLN C 35 -6.98 -18.58 17.82
CA GLN C 35 -8.19 -18.34 18.59
C GLN C 35 -8.92 -17.10 18.05
N LEU C 36 -8.15 -16.06 17.70
CA LEU C 36 -8.74 -14.88 17.08
C LEU C 36 -9.37 -15.21 15.74
N ASP C 37 -8.71 -16.06 14.94
CA ASP C 37 -9.19 -16.45 13.63
C ASP C 37 -10.50 -17.22 13.72
N GLU C 38 -10.73 -17.94 14.83
CA GLU C 38 -11.99 -18.62 15.08
C GLU C 38 -13.02 -17.66 15.69
N GLY C 39 -12.65 -16.39 15.87
CA GLY C 39 -13.59 -15.34 16.26
C GLY C 39 -13.75 -15.16 17.77
N GLU C 40 -12.70 -15.45 18.55
CA GLU C 40 -12.70 -15.12 19.97
C GLU C 40 -12.70 -13.60 20.14
N ILE C 41 -13.56 -13.11 21.03
CA ILE C 41 -13.60 -11.71 21.41
C ILE C 41 -12.48 -11.45 22.40
N SER C 42 -11.62 -10.47 22.11
CA SER C 42 -10.39 -10.27 22.86
C SER C 42 -9.95 -8.81 22.81
N THR C 43 -9.12 -8.40 23.76
CA THR C 43 -8.54 -7.05 23.79
C THR C 43 -7.24 -6.97 22.97
N ILE C 44 -6.63 -8.11 22.64
CA ILE C 44 -5.38 -8.09 21.91
C ILE C 44 -5.73 -7.87 20.44
N ASP C 45 -4.85 -7.23 19.67
CA ASP C 45 -5.08 -7.13 18.24
C ASP C 45 -4.06 -7.98 17.48
N LYS C 46 -4.55 -8.52 16.34
CA LYS C 46 -3.78 -9.43 15.51
C LYS C 46 -2.42 -8.82 15.13
N VAL C 47 -2.37 -7.51 14.89
CA VAL C 47 -1.16 -6.90 14.35
C VAL C 47 -0.02 -7.09 15.35
N SER C 48 -0.27 -6.86 16.64
CA SER C 48 0.80 -6.98 17.62
C SER C 48 1.22 -8.45 17.77
N VAL C 49 0.26 -9.38 17.72
CA VAL C 49 0.58 -10.79 17.75
C VAL C 49 1.50 -11.18 16.60
N LEU C 50 1.17 -10.70 15.38
CA LEU C 50 1.96 -10.99 14.19
C LEU C 50 3.33 -10.33 14.25
N ASP C 51 3.43 -9.18 14.94
CA ASP C 51 4.68 -8.47 15.11
C ASP C 51 5.66 -9.39 15.85
N TYR C 52 5.26 -9.93 17.01
CA TYR C 52 6.07 -10.83 17.79
C TYR C 52 6.32 -12.12 17.02
N LEU C 53 5.27 -12.65 16.36
CA LEU C 53 5.38 -13.93 15.68
C LEU C 53 6.39 -13.85 14.53
N SER C 54 6.31 -12.80 13.72
CA SER C 54 7.20 -12.65 12.59
C SER C 54 8.65 -12.54 13.06
N TYR C 55 8.92 -11.80 14.13
CA TYR C 55 10.27 -11.68 14.66
C TYR C 55 10.78 -13.05 15.14
N ALA C 56 9.96 -13.77 15.88
CA ALA C 56 10.34 -15.07 16.41
C ALA C 56 10.69 -16.03 15.29
N VAL C 57 9.90 -16.00 14.20
CA VAL C 57 10.12 -16.93 13.11
C VAL C 57 11.39 -16.54 12.36
N TYR C 58 11.66 -15.23 12.22
CA TYR C 58 12.92 -14.77 11.66
C TYR C 58 14.12 -15.31 12.45
N GLN C 59 14.05 -15.21 13.79
CA GLN C 59 15.14 -15.66 14.65
C GLN C 59 15.39 -17.15 14.44
N GLN C 60 14.34 -17.92 14.11
CA GLN C 60 14.49 -19.34 13.90
C GLN C 60 15.18 -19.64 12.57
N GLY C 61 15.32 -18.62 11.72
CA GLY C 61 15.83 -18.82 10.37
C GLY C 61 14.79 -19.40 9.39
N ASP C 62 13.49 -19.38 9.74
CA ASP C 62 12.44 -19.79 8.81
C ASP C 62 11.98 -18.58 7.98
N LEU C 63 12.77 -18.25 6.95
CA LEU C 63 12.63 -16.98 6.24
C LEU C 63 11.36 -16.95 5.38
N ASP C 64 10.99 -18.07 4.78
CA ASP C 64 9.76 -18.16 3.96
C ASP C 64 8.55 -17.76 4.82
N LYS C 65 8.48 -18.39 6.00
CA LYS C 65 7.36 -18.15 6.91
C LYS C 65 7.39 -16.71 7.42
N ALA C 66 8.59 -16.16 7.63
CA ALA C 66 8.70 -14.82 8.17
C ALA C 66 8.21 -13.81 7.16
N LEU C 67 8.50 -14.04 5.88
CA LEU C 67 8.05 -13.14 4.84
C LEU C 67 6.52 -13.18 4.75
N LEU C 68 5.97 -14.40 4.78
CA LEU C 68 4.53 -14.54 4.72
C LEU C 68 3.86 -13.76 5.86
N LEU C 69 4.36 -13.90 7.09
CA LEU C 69 3.78 -13.25 8.25
C LEU C 69 3.92 -11.74 8.14
N THR C 70 5.02 -11.29 7.56
CA THR C 70 5.24 -9.87 7.35
C THR C 70 4.20 -9.33 6.38
N LYS C 71 3.93 -10.10 5.31
CA LYS C 71 2.92 -9.69 4.34
C LYS C 71 1.54 -9.63 4.99
N LYS C 72 1.25 -10.64 5.85
CA LYS C 72 -0.04 -10.69 6.51
C LYS C 72 -0.19 -9.46 7.40
N LEU C 73 0.90 -9.07 8.06
CA LEU C 73 0.86 -7.96 9.00
C LEU C 73 0.57 -6.68 8.22
N LEU C 74 1.22 -6.51 7.06
CA LEU C 74 1.10 -5.28 6.28
C LEU C 74 -0.28 -5.12 5.65
N GLU C 75 -0.97 -6.24 5.38
CA GLU C 75 -2.35 -6.15 4.90
C GLU C 75 -3.22 -5.48 5.96
N LEU C 76 -2.95 -5.77 7.23
CA LEU C 76 -3.76 -5.24 8.32
C LEU C 76 -3.31 -3.84 8.73
N ASP C 77 -1.99 -3.56 8.64
CA ASP C 77 -1.42 -2.29 9.06
C ASP C 77 -0.33 -1.90 8.06
N PRO C 78 -0.70 -1.24 6.94
CA PRO C 78 0.27 -0.89 5.91
C PRO C 78 1.41 0.03 6.36
N GLU C 79 1.26 0.72 7.49
CA GLU C 79 2.28 1.67 7.94
C GLU C 79 3.28 1.05 8.93
N HIS C 80 3.14 -0.25 9.21
CA HIS C 80 3.97 -0.87 10.23
C HIS C 80 5.46 -0.71 9.91
N GLN C 81 6.20 -0.09 10.82
CA GLN C 81 7.58 0.32 10.57
C GLN C 81 8.52 -0.87 10.37
N ARG C 82 8.49 -1.83 11.31
CA ARG C 82 9.42 -2.95 11.28
CA ARG C 82 9.40 -2.97 11.30
C ARG C 82 9.07 -3.89 10.13
N ALA C 83 7.75 -4.11 9.93
CA ALA C 83 7.30 -5.01 8.89
C ALA C 83 7.72 -4.44 7.53
N ASN C 84 7.57 -3.12 7.36
CA ASN C 84 8.01 -2.46 6.15
C ASN C 84 9.51 -2.60 5.96
N GLY C 85 10.28 -2.49 7.06
CA GLY C 85 11.72 -2.71 6.99
C GLY C 85 12.02 -4.12 6.50
N ASN C 86 11.34 -5.11 7.07
CA ASN C 86 11.58 -6.50 6.73
C ASN C 86 11.21 -6.78 5.26
N LEU C 87 10.12 -6.17 4.81
CA LEU C 87 9.69 -6.36 3.43
C LEU C 87 10.78 -5.85 2.48
N LYS C 88 11.29 -4.64 2.74
CA LYS C 88 12.32 -4.03 1.91
C LYS C 88 13.54 -4.93 1.79
N TYR C 89 13.87 -5.68 2.85
CA TYR C 89 14.97 -6.62 2.74
C TYR C 89 14.72 -7.71 1.69
N PHE C 90 13.57 -8.38 1.76
CA PHE C 90 13.24 -9.44 0.81
C PHE C 90 13.09 -8.88 -0.60
N GLU C 91 12.55 -7.66 -0.71
CA GLU C 91 12.41 -6.98 -1.99
C GLU C 91 13.79 -6.78 -2.64
N TYR C 92 14.82 -6.53 -1.80
CA TYR C 92 16.15 -6.27 -2.31
C TYR C 92 16.69 -7.53 -2.99
N ILE C 93 16.59 -8.67 -2.30
CA ILE C 93 17.07 -9.95 -2.84
C ILE C 93 16.37 -10.26 -4.16
N MET C 94 15.05 -10.10 -4.20
CA MET C 94 14.28 -10.38 -5.40
C MET C 94 14.73 -9.48 -6.55
N ALA C 95 14.93 -8.17 -6.27
CA ALA C 95 15.31 -7.23 -7.31
C ALA C 95 16.69 -7.59 -7.89
N LYS C 96 17.60 -8.08 -7.03
CA LYS C 96 18.92 -8.48 -7.49
C LYS C 96 18.83 -9.69 -8.42
N GLU C 97 18.03 -10.67 -8.02
CA GLU C 97 17.89 -11.90 -8.79
C GLU C 97 17.38 -11.60 -10.20
N LEU C 98 16.47 -10.63 -10.32
CA LEU C 98 15.97 -10.22 -11.62
C LEU C 98 17.08 -9.49 -12.39
N SER D 2 -5.73 -30.55 -16.29
CA SER D 2 -4.86 -31.18 -15.27
C SER D 2 -5.17 -30.68 -13.85
N PHE D 3 -5.03 -29.38 -13.51
CA PHE D 3 -5.26 -28.96 -12.12
C PHE D 3 -5.85 -27.55 -12.00
N LEU D 4 -6.25 -27.23 -10.77
CA LEU D 4 -6.96 -25.97 -10.46
C LEU D 4 -6.12 -25.00 -9.60
N THR D 5 -5.88 -23.83 -10.19
CA THR D 5 -5.23 -22.71 -9.52
C THR D 5 -6.22 -22.07 -8.55
N ALA D 6 -5.72 -21.26 -7.64
CA ALA D 6 -6.57 -20.47 -6.75
C ALA D 6 -7.56 -19.64 -7.54
N GLU D 7 -7.07 -19.09 -8.66
CA GLU D 7 -7.92 -18.31 -9.55
C GLU D 7 -9.05 -19.17 -10.12
N ASP D 8 -8.74 -20.39 -10.55
CA ASP D 8 -9.76 -21.31 -11.02
C ASP D 8 -10.77 -21.61 -9.92
N CYS D 9 -10.30 -21.88 -8.69
CA CYS D 9 -11.20 -22.15 -7.58
C CYS D 9 -12.12 -20.96 -7.33
N PHE D 10 -11.59 -19.75 -7.42
CA PHE D 10 -12.40 -18.57 -7.19
C PHE D 10 -13.46 -18.40 -8.30
N GLU D 11 -13.06 -18.63 -9.55
CA GLU D 11 -13.97 -18.55 -10.68
C GLU D 11 -15.08 -19.60 -10.53
N LEU D 12 -14.73 -20.82 -10.14
CA LEU D 12 -15.70 -21.86 -9.90
C LEU D 12 -16.64 -21.50 -8.76
N GLY D 13 -16.13 -20.85 -7.71
CA GLY D 13 -17.01 -20.43 -6.61
C GLY D 13 -18.02 -19.37 -7.08
N LYS D 14 -17.61 -18.52 -8.03
CA LYS D 14 -18.49 -17.54 -8.63
C LYS D 14 -19.57 -18.23 -9.47
N VAL D 15 -19.22 -19.32 -10.16
CA VAL D 15 -20.19 -20.11 -10.88
C VAL D 15 -21.20 -20.68 -9.88
N ALA D 16 -20.71 -21.30 -8.80
CA ALA D 16 -21.58 -21.83 -7.78
C ALA D 16 -22.50 -20.73 -7.24
N TYR D 17 -21.96 -19.57 -6.98
CA TYR D 17 -22.73 -18.50 -6.34
C TYR D 17 -23.85 -17.99 -7.23
N THR D 18 -23.55 -17.84 -8.52
CA THR D 18 -24.52 -17.33 -9.46
C THR D 18 -25.68 -18.33 -9.61
N GLU D 19 -25.47 -19.61 -9.27
CA GLU D 19 -26.53 -20.61 -9.28
C GLU D 19 -27.13 -20.86 -7.89
N ALA D 20 -26.84 -20.00 -6.94
CA ALA D 20 -27.34 -20.13 -5.57
C ALA D 20 -26.94 -21.48 -4.97
N ASP D 21 -25.73 -21.95 -5.31
CA ASP D 21 -25.14 -23.12 -4.67
C ASP D 21 -24.19 -22.62 -3.59
N TYR D 22 -24.73 -22.26 -2.42
CA TYR D 22 -23.98 -21.49 -1.45
C TYR D 22 -23.02 -22.38 -0.67
N TYR D 23 -23.26 -23.70 -0.68
CA TYR D 23 -22.35 -24.62 -0.05
C TYR D 23 -21.13 -24.80 -0.94
N HIS D 24 -21.35 -25.06 -2.23
CA HIS D 24 -20.23 -25.17 -3.14
C HIS D 24 -19.46 -23.86 -3.25
N THR D 25 -20.13 -22.70 -3.14
CA THR D 25 -19.46 -21.42 -3.12
C THR D 25 -18.42 -21.43 -2.00
N GLU D 26 -18.84 -21.85 -0.79
CA GLU D 26 -17.98 -21.98 0.37
C GLU D 26 -16.82 -22.96 0.10
N LEU D 27 -17.11 -24.15 -0.42
CA LEU D 27 -16.04 -25.12 -0.70
C LEU D 27 -14.97 -24.50 -1.62
N TRP D 28 -15.38 -23.87 -2.74
CA TRP D 28 -14.43 -23.38 -3.71
C TRP D 28 -13.65 -22.19 -3.18
N MET D 29 -14.33 -21.23 -2.55
CA MET D 29 -13.73 -20.01 -2.05
C MET D 29 -12.72 -20.36 -0.95
N GLU D 30 -13.08 -21.30 -0.08
CA GLU D 30 -12.19 -21.71 1.00
C GLU D 30 -10.97 -22.42 0.44
N GLN D 31 -11.16 -23.18 -0.64
CA GLN D 31 -10.04 -23.84 -1.30
C GLN D 31 -9.11 -22.79 -1.91
N ALA D 32 -9.67 -21.72 -2.49
CA ALA D 32 -8.84 -20.66 -3.02
C ALA D 32 -8.00 -20.01 -1.91
N LEU D 33 -8.63 -19.74 -0.77
CA LEU D 33 -7.93 -19.13 0.36
C LEU D 33 -6.86 -20.07 0.92
N ARG D 34 -7.15 -21.37 0.91
CA ARG D 34 -6.20 -22.35 1.40
C ARG D 34 -4.93 -22.33 0.54
N GLN D 35 -5.11 -22.26 -0.78
CA GLN D 35 -3.99 -22.31 -1.71
C GLN D 35 -3.13 -21.06 -1.58
N LEU D 36 -3.77 -19.89 -1.41
CA LEU D 36 -3.03 -18.67 -1.15
C LEU D 36 -2.21 -18.77 0.13
N ASP D 37 -2.82 -19.34 1.18
CA ASP D 37 -2.20 -19.42 2.48
C ASP D 37 -0.98 -20.33 2.47
N GLU D 38 -0.98 -21.33 1.57
CA GLU D 38 0.17 -22.20 1.40
C GLU D 38 1.16 -21.61 0.40
N GLY D 39 0.92 -20.37 -0.05
CA GLY D 39 1.92 -19.59 -0.78
C GLY D 39 1.87 -19.78 -2.30
N GLU D 40 0.70 -20.09 -2.86
CA GLU D 40 0.52 -20.04 -4.31
C GLU D 40 0.63 -18.60 -4.78
N ILE D 41 1.38 -18.40 -5.87
CA ILE D 41 1.49 -17.09 -6.52
C ILE D 41 0.24 -16.88 -7.37
N SER D 42 -0.48 -15.77 -7.12
CA SER D 42 -1.82 -15.60 -7.66
C SER D 42 -2.17 -14.13 -7.69
N THR D 43 -3.05 -13.75 -8.63
CA THR D 43 -3.48 -12.37 -8.81
C THR D 43 -4.79 -12.12 -8.05
N ILE D 44 -5.41 -13.13 -7.43
CA ILE D 44 -6.74 -12.89 -6.89
C ILE D 44 -6.65 -12.08 -5.60
N ASP D 45 -7.70 -11.28 -5.27
CA ASP D 45 -7.65 -10.60 -3.99
C ASP D 45 -8.62 -11.19 -3.00
N LYS D 46 -8.08 -11.37 -1.79
CA LYS D 46 -8.78 -11.98 -0.68
C LYS D 46 -10.08 -11.24 -0.40
N VAL D 47 -10.12 -9.92 -0.60
CA VAL D 47 -11.29 -9.14 -0.23
C VAL D 47 -12.51 -9.64 -1.01
N SER D 48 -12.34 -9.86 -2.32
CA SER D 48 -13.46 -10.29 -3.14
CA SER D 48 -13.46 -10.30 -3.15
C SER D 48 -13.87 -11.72 -2.78
N VAL D 49 -12.89 -12.58 -2.49
CA VAL D 49 -13.15 -13.93 -2.04
C VAL D 49 -14.03 -13.93 -0.79
N LEU D 50 -13.68 -13.09 0.17
CA LEU D 50 -14.37 -12.99 1.45
C LEU D 50 -15.76 -12.40 1.26
N ASP D 51 -15.90 -11.50 0.28
CA ASP D 51 -17.19 -10.91 -0.05
C ASP D 51 -18.20 -12.01 -0.43
N TYR D 52 -17.82 -12.87 -1.39
CA TYR D 52 -18.65 -13.99 -1.81
C TYR D 52 -18.85 -14.98 -0.66
N LEU D 53 -17.78 -15.29 0.06
CA LEU D 53 -17.82 -16.30 1.09
C LEU D 53 -18.76 -15.89 2.22
N SER D 54 -18.66 -14.64 2.67
CA SER D 54 -19.51 -14.15 3.74
C SER D 54 -20.99 -14.25 3.37
N TYR D 55 -21.35 -13.88 2.15
CA TYR D 55 -22.76 -13.98 1.74
C TYR D 55 -23.21 -15.44 1.69
N ALA D 56 -22.36 -16.31 1.13
CA ALA D 56 -22.70 -17.72 1.01
C ALA D 56 -22.96 -18.32 2.38
N VAL D 57 -22.14 -17.95 3.36
CA VAL D 57 -22.26 -18.50 4.70
C VAL D 57 -23.51 -17.96 5.37
N TYR D 58 -23.85 -16.69 5.13
CA TYR D 58 -25.11 -16.13 5.61
C TYR D 58 -26.31 -16.93 5.09
N GLN D 59 -26.30 -17.25 3.78
CA GLN D 59 -27.40 -18.00 3.18
C GLN D 59 -27.56 -19.37 3.83
N GLN D 60 -26.45 -19.95 4.30
CA GLN D 60 -26.49 -21.24 4.95
C GLN D 60 -27.05 -21.13 6.37
N GLY D 61 -27.31 -19.91 6.84
CA GLY D 61 -27.89 -19.70 8.16
C GLY D 61 -26.82 -19.60 9.26
N ASP D 62 -25.53 -19.58 8.91
CA ASP D 62 -24.44 -19.52 9.89
C ASP D 62 -24.07 -18.05 10.11
N LEU D 63 -24.86 -17.37 10.96
CA LEU D 63 -24.74 -15.93 11.16
C LEU D 63 -23.41 -15.56 11.85
N ASP D 64 -23.00 -16.35 12.86
CA ASP D 64 -21.76 -16.09 13.56
C ASP D 64 -20.59 -16.10 12.58
N LYS D 65 -20.55 -17.11 11.72
CA LYS D 65 -19.45 -17.25 10.78
C LYS D 65 -19.51 -16.14 9.73
N ALA D 66 -20.71 -15.69 9.37
CA ALA D 66 -20.82 -14.64 8.37
C ALA D 66 -20.29 -13.32 8.93
N LEU D 67 -20.57 -13.06 10.21
CA LEU D 67 -20.07 -11.85 10.82
C LEU D 67 -18.54 -11.92 10.92
N LEU D 68 -18.01 -13.07 11.32
CA LEU D 68 -16.57 -13.23 11.40
C LEU D 68 -15.90 -12.91 10.06
N LEU D 69 -16.44 -13.46 8.96
CA LEU D 69 -15.87 -13.25 7.65
C LEU D 69 -15.99 -11.80 7.22
N THR D 70 -17.09 -11.16 7.62
CA THR D 70 -17.28 -9.75 7.34
C THR D 70 -16.22 -8.93 8.06
N LYS D 71 -15.92 -9.29 9.31
CA LYS D 71 -14.90 -8.60 10.08
C LYS D 71 -13.53 -8.83 9.44
N LYS D 72 -13.25 -10.05 8.96
CA LYS D 72 -11.99 -10.32 8.31
C LYS D 72 -11.86 -9.46 7.05
N LEU D 73 -12.98 -9.27 6.33
CA LEU D 73 -12.94 -8.50 5.09
C LEU D 73 -12.59 -7.05 5.42
N LEU D 74 -13.21 -6.51 6.48
CA LEU D 74 -13.05 -5.11 6.83
C LEU D 74 -11.66 -4.82 7.40
N GLU D 75 -10.99 -5.80 7.98
CA GLU D 75 -9.61 -5.62 8.41
C GLU D 75 -8.73 -5.36 7.18
N LEU D 76 -9.04 -6.02 6.06
CA LEU D 76 -8.24 -5.87 4.84
C LEU D 76 -8.65 -4.64 4.05
N ASP D 77 -9.95 -4.28 4.08
CA ASP D 77 -10.48 -3.15 3.31
C ASP D 77 -11.51 -2.42 4.19
N PRO D 78 -11.06 -1.51 5.08
CA PRO D 78 -11.98 -0.86 6.02
C PRO D 78 -13.09 -0.04 5.37
N GLU D 79 -12.92 0.34 4.09
CA GLU D 79 -13.87 1.23 3.44
C GLU D 79 -14.94 0.46 2.66
N HIS D 80 -14.87 -0.88 2.65
CA HIS D 80 -15.75 -1.66 1.80
C HIS D 80 -17.20 -1.33 2.16
N GLN D 81 -17.95 -0.87 1.13
CA GLN D 81 -19.25 -0.28 1.36
C GLN D 81 -20.27 -1.32 1.83
N ARG D 82 -20.33 -2.44 1.10
CA ARG D 82 -21.30 -3.48 1.37
C ARG D 82 -20.95 -4.21 2.67
N ALA D 83 -19.65 -4.48 2.90
CA ALA D 83 -19.25 -5.19 4.10
C ALA D 83 -19.57 -4.34 5.33
N ASN D 84 -19.38 -3.02 5.21
CA ASN D 84 -19.77 -2.11 6.29
C ASN D 84 -21.27 -2.14 6.52
N GLY D 85 -22.04 -2.21 5.42
CA GLY D 85 -23.48 -2.35 5.52
C GLY D 85 -23.84 -3.64 6.25
N ASN D 86 -23.21 -4.74 5.87
CA ASN D 86 -23.50 -6.04 6.45
C ASN D 86 -23.11 -6.10 7.93
N LEU D 87 -22.00 -5.43 8.28
CA LEU D 87 -21.58 -5.42 9.68
C LEU D 87 -22.65 -4.73 10.51
N LYS D 88 -23.13 -3.57 10.05
CA LYS D 88 -24.17 -2.84 10.76
C LYS D 88 -25.41 -3.69 10.98
N TYR D 89 -25.75 -4.48 9.96
CA TYR D 89 -26.90 -5.36 10.05
C TYR D 89 -26.67 -6.44 11.12
N PHE D 90 -25.55 -7.14 11.09
CA PHE D 90 -25.26 -8.20 12.05
C PHE D 90 -25.18 -7.62 13.46
N GLU D 91 -24.63 -6.42 13.61
CA GLU D 91 -24.51 -5.82 14.93
C GLU D 91 -25.89 -5.49 15.48
N TYR D 92 -26.81 -5.13 14.57
CA TYR D 92 -28.18 -4.78 14.98
C TYR D 92 -28.86 -6.04 15.51
N ILE D 93 -28.78 -7.13 14.77
CA ILE D 93 -29.40 -8.41 15.14
C ILE D 93 -28.86 -8.88 16.49
N MET D 94 -27.54 -8.79 16.68
CA MET D 94 -26.94 -9.22 17.92
C MET D 94 -27.38 -8.34 19.07
N ALA D 95 -27.46 -7.02 18.87
CA ALA D 95 -27.92 -6.13 19.94
C ALA D 95 -29.35 -6.45 20.34
N LYS D 96 -30.20 -6.83 19.36
CA LYS D 96 -31.58 -7.21 19.63
C LYS D 96 -31.62 -8.48 20.48
N GLU D 97 -30.79 -9.47 20.15
CA GLU D 97 -30.76 -10.73 20.88
C GLU D 97 -30.35 -10.46 22.32
N LEU D 98 -29.39 -9.55 22.53
CA LEU D 98 -28.92 -9.22 23.86
C LEU D 98 -29.96 -8.39 24.61
N GLU D 99 -30.64 -7.48 23.89
CA GLU D 99 -31.77 -6.74 24.45
C GLU D 99 -32.82 -7.73 24.97
N HIS D 100 -33.06 -8.80 24.20
CA HIS D 100 -34.05 -9.81 24.55
C HIS D 100 -33.63 -10.53 25.85
N HIS D 101 -32.38 -11.02 25.91
CA HIS D 101 -31.89 -11.76 27.06
C HIS D 101 -31.94 -10.92 28.33
N HIS D 102 -31.73 -9.59 28.23
CA HIS D 102 -31.75 -8.71 29.39
C HIS D 102 -33.16 -8.42 29.92
N HIS D 103 -34.23 -8.97 29.33
CA HIS D 103 -35.56 -8.94 29.96
C HIS D 103 -36.02 -10.36 30.31
N GLY E 3 7.32 31.59 10.76
CA GLY E 3 8.59 31.04 10.27
C GLY E 3 8.43 29.57 9.87
N PRO E 4 9.13 29.09 8.82
CA PRO E 4 9.27 27.66 8.55
C PRO E 4 10.11 26.91 9.58
N ARG E 5 9.73 25.66 9.83
CA ARG E 5 10.40 24.79 10.78
C ARG E 5 10.89 23.53 10.05
N GLY E 6 12.19 23.26 10.18
CA GLY E 6 12.81 22.09 9.58
C GLY E 6 12.98 20.97 10.60
N PRO E 7 13.53 19.81 10.17
CA PRO E 7 13.70 18.69 11.07
C PRO E 7 14.67 19.04 12.19
N PRO E 8 14.30 18.83 13.49
CA PRO E 8 14.92 19.57 14.59
C PRO E 8 16.35 19.15 14.91
N PRO F 1 -4.53 -15.54 -15.22
CA PRO F 1 -4.29 -14.16 -14.66
C PRO F 1 -4.62 -13.09 -15.70
N PRO F 2 -5.64 -12.24 -15.47
CA PRO F 2 -5.99 -11.18 -16.41
C PRO F 2 -4.90 -10.09 -16.44
N GLY F 3 -4.70 -9.51 -17.62
CA GLY F 3 -3.65 -8.53 -17.80
C GLY F 3 -3.99 -7.20 -17.14
N PRO F 4 -3.07 -6.20 -17.20
CA PRO F 4 -3.32 -4.87 -16.68
C PRO F 4 -4.49 -4.17 -17.35
N ARG F 5 -5.18 -3.34 -16.57
CA ARG F 5 -6.29 -2.54 -17.05
C ARG F 5 -5.82 -1.08 -17.19
N GLY F 6 -6.07 -0.51 -18.37
CA GLY F 6 -5.78 0.88 -18.64
C GLY F 6 -7.01 1.76 -18.35
N PRO F 7 -6.86 3.09 -18.43
CA PRO F 7 -8.04 3.96 -18.42
C PRO F 7 -8.99 3.61 -19.56
N PRO F 8 -10.32 3.55 -19.31
CA PRO F 8 -11.26 2.89 -20.22
C PRO F 8 -11.64 3.70 -21.46
N GLY G 3 -31.63 -6.58 5.42
CA GLY G 3 -30.87 -7.84 5.28
C GLY G 3 -29.51 -7.60 4.60
N PRO G 4 -28.54 -8.53 4.76
CA PRO G 4 -27.23 -8.47 4.11
C PRO G 4 -27.25 -8.55 2.59
N ARG G 5 -26.15 -8.07 1.98
CA ARG G 5 -25.98 -8.01 0.54
C ARG G 5 -24.67 -8.67 0.10
N GLY G 6 -24.81 -9.58 -0.88
CA GLY G 6 -23.70 -10.24 -1.54
C GLY G 6 -23.28 -9.52 -2.82
N PRO G 7 -22.23 -10.01 -3.51
CA PRO G 7 -21.87 -9.46 -4.80
C PRO G 7 -23.05 -9.52 -5.76
N PRO G 8 -23.33 -8.44 -6.53
CA PRO G 8 -24.51 -8.42 -7.38
C PRO G 8 -24.28 -9.15 -8.70
MG MG H . 21.08 25.25 -4.72
C1 MPD I . 31.29 19.31 4.86
C2 MPD I . 29.97 18.56 4.98
O2 MPD I . 29.11 18.96 3.90
CM MPD I . 29.28 18.91 6.30
C3 MPD I . 30.20 17.05 4.85
C4 MPD I . 29.14 16.36 4.04
O4 MPD I . 29.15 16.87 2.73
C5 MPD I . 29.33 14.87 3.96
H11 MPD I . 31.74 19.04 4.05
H12 MPD I . 31.84 19.11 5.63
H13 MPD I . 31.11 20.27 4.83
HO2 MPD I . 28.74 18.63 3.65
HM1 MPD I . 29.90 18.82 7.03
HM2 MPD I . 28.52 18.30 6.43
HM3 MPD I . 28.95 19.82 6.25
H31 MPD I . 30.24 16.66 5.74
H32 MPD I . 31.07 16.90 4.41
H4 MPD I . 28.26 16.54 4.46
HO4 MPD I . 28.50 16.58 2.44
H51 MPD I . 28.57 14.47 3.50
H52 MPD I . 29.39 14.49 4.86
H53 MPD I . 30.15 14.66 3.48
C1 MPD J . 27.25 9.37 8.05
C2 MPD J . 28.22 8.23 7.79
O2 MPD J . 27.72 7.11 8.54
CM MPD J . 29.61 8.57 8.29
C3 MPD J . 28.25 7.88 6.30
C4 MPD J . 29.00 6.63 5.93
O4 MPD J . 28.33 6.00 4.83
C5 MPD J . 30.41 6.88 5.50
H11 MPD J . 26.34 9.04 7.97
H12 MPD J . 27.41 10.07 7.39
H13 MPD J . 27.39 9.72 8.94
HO2 MPD J . 28.22 6.44 8.52
HM1 MPD J . 30.03 9.21 7.69
HM2 MPD J . 30.15 7.77 8.32
HM3 MPD J . 29.55 8.95 9.19
H31 MPD J . 28.63 8.63 5.81
H32 MPD J . 27.32 7.77 6.00
H4 MPD J . 28.99 6.00 6.69
HO4 MPD J . 28.87 5.35 4.55
H51 MPD J . 30.76 6.10 5.04
H52 MPD J . 30.96 7.07 6.29
H53 MPD J . 30.44 7.65 4.89
S1 MPO K . 14.43 24.62 13.23
O1 MPO K . 14.77 24.02 14.49
O2 MPO K . 14.16 26.03 13.13
O4 MPO K . 22.26 24.02 12.94
N1 MPO K . 19.46 23.44 12.69
C1 MPO K . 15.77 24.26 12.14
O3 MPO K . 13.27 23.82 12.62
C2 MPO K . 17.04 23.97 12.90
C3 MPO K . 18.17 23.49 12.00
C4 MPO K . 19.95 24.77 13.06
C5 MPO K . 21.30 24.69 13.74
C6 MPO K . 21.79 22.72 12.60
C7 MPO K . 20.47 22.77 11.87
H11 MPO K . 15.89 25.02 11.54
H12 MPO K . 15.51 23.49 11.59
HO3 MPO K . 13.58 22.96 12.63
H21 MPO K . 16.87 23.30 13.57
H22 MPO K . 17.32 24.76 13.36
H31 MPO K . 17.96 22.60 11.67
H32 MPO K . 18.24 24.09 11.24
H41 MPO K . 19.31 25.20 13.67
H42 MPO K . 20.03 25.33 12.26
H51 MPO K . 21.61 25.58 13.95
H52 MPO K . 21.19 24.20 14.58
H61 MPO K . 21.69 22.19 13.40
H62 MPO K . 22.45 22.29 12.02
H71 MPO K . 20.57 23.25 11.02
H72 MPO K . 20.18 21.85 11.66
N GLY L . 6.02 21.67 -27.06
CA GLY L . 5.83 22.55 -28.23
C GLY L . 5.95 24.01 -27.83
O GLY L . 5.71 24.28 -26.63
OXT GLY L . 6.26 24.83 -28.72
H1 GLY L . 5.96 20.80 -27.32
H2 GLY L . 5.38 21.83 -26.45
H3 GLY L . 6.83 21.81 -26.69
HA2 GLY L . 6.52 22.34 -28.90
HA3 GLY L . 4.95 22.38 -28.63
N GLY M . 9.13 13.89 -14.11
CA GLY M . 9.96 12.78 -14.62
C GLY M . 9.78 12.62 -16.11
O GLY M . 10.80 12.21 -16.76
OXT GLY M . 8.67 12.91 -16.61
H1 GLY M . 9.24 13.98 -13.22
H2 GLY M . 8.25 13.71 -14.28
H3 GLY M . 9.35 14.65 -14.52
HA2 GLY M . 10.91 12.96 -14.40
HA3 GLY M . 9.71 11.94 -14.16
N GLY N . 1.39 -6.60 -24.40
CA GLY N . 2.37 -7.23 -23.48
C GLY N . 3.72 -6.55 -23.62
O GLY N . 4.04 -6.19 -24.78
OXT GLY N . 4.39 -6.41 -22.57
H1 GLY N . 0.59 -7.02 -24.33
H2 GLY N . 1.68 -6.67 -25.25
H3 GLY N . 1.29 -5.74 -24.18
HA2 GLY N . 2.05 -7.15 -22.56
HA3 GLY N . 2.45 -8.19 -23.70
N GLY O . 5.06 27.37 -8.97
CA GLY O . 4.33 28.34 -8.14
C GLY O . 4.91 29.74 -8.27
O GLY O . 4.36 30.64 -7.60
OXT GLY O . 5.90 29.89 -9.01
H1 GLY O . 4.70 26.55 -8.86
H2 GLY O . 5.93 27.34 -8.73
H3 GLY O . 5.00 27.61 -9.84
HA2 GLY O . 3.38 28.36 -8.41
HA3 GLY O . 4.37 28.06 -7.19
MG MG P . -9.22 5.11 -33.22
C1 MPD Q . -1.25 14.14 -30.61
C2 MPD Q . -0.75 12.98 -31.44
O2 MPD Q . 0.36 12.38 -30.73
CM MPD Q . -0.22 13.48 -32.76
C3 MPD Q . -1.82 11.89 -31.63
C4 MPD Q . -1.32 10.64 -32.33
O4 MPD Q . -0.23 10.07 -31.58
C5 MPD Q . -2.39 9.63 -32.60
H11 MPD Q . -1.53 13.80 -29.74
H12 MPD Q . -2.01 14.55 -31.07
H13 MPD Q . -0.54 14.78 -30.51
HO2 MPD Q . 0.67 11.73 -31.18
HM1 MPD Q . -0.97 13.76 -33.32
HM2 MPD Q . 0.26 12.76 -33.21
HM3 MPD Q . 0.38 14.23 -32.61
H31 MPD Q . -2.55 12.27 -32.15
H32 MPD Q . -2.17 11.64 -30.75
H4 MPD Q . -0.93 10.91 -33.20
HO4 MPD Q . 0.08 9.39 -31.97
H51 MPD Q . -2.00 8.83 -33.00
H52 MPD Q . -3.06 10.00 -33.21
H53 MPD Q . -2.84 9.39 -31.76
N GLY R . 9.16 -6.97 17.67
CA GLY R . 8.09 -6.57 18.61
C GLY R . 8.51 -5.37 19.44
O GLY R . 9.49 -4.72 19.05
OXT GLY R . 7.83 -5.12 20.44
H1 GLY R . 8.89 -7.68 17.18
H2 GLY R . 9.90 -7.20 18.13
H3 GLY R . 9.36 -6.28 17.12
HA2 GLY R . 7.28 -6.35 18.09
HA3 GLY R . 7.88 -7.33 19.21
MG MG S . 8.62 -22.85 13.07
C1 MPD T . 9.63 -21.27 29.42
C2 MPD T . 9.26 -20.02 28.62
O2 MPD T . 8.95 -20.43 27.28
CM MPD T . 10.43 -19.07 28.53
C3 MPD T . 8.03 -19.34 29.24
C4 MPD T . 6.77 -19.47 28.44
O4 MPD T . 6.55 -20.82 28.01
C5 MPD T . 5.59 -19.02 29.21
H11 MPD T . 8.89 -21.91 29.37
H12 MPD T . 9.80 -21.03 30.34
H13 MPD T . 10.42 -21.67 29.03
HO2 MPD T . 8.81 -19.69 26.85
HM1 MPD T . 10.71 -18.80 29.42
HM2 MPD T . 10.18 -18.28 28.02
HM3 MPD T . 11.18 -19.51 28.07
H31 MPD T . 8.24 -18.39 29.35
H32 MPD T . 7.88 -19.73 30.13
H4 MPD T . 6.85 -18.91 27.63
HO4 MPD T . 5.87 -20.87 27.52
H51 MPD T . 4.79 -19.10 28.66
H52 MPD T . 5.70 -18.09 29.49
H53 MPD T . 5.48 -19.58 30.00
S1 MPO U . 15.37 -5.18 19.53
O1 MPO U . 16.78 -5.06 19.76
O2 MPO U . 14.89 -4.99 18.19
O4 MPO U . 16.50 -11.13 24.80
N1 MPO U . 15.27 -9.13 23.13
C1 MPO U . 14.92 -6.84 20.00
O3 MPO U . 14.62 -4.22 20.48
C2 MPO U . 15.29 -7.21 21.44
C3 MPO U . 14.82 -8.61 21.82
C4 MPO U . 16.72 -9.33 23.20
C5 MPO U . 17.12 -9.88 24.55
C6 MPO U . 15.08 -10.98 24.74
C7 MPO U . 14.62 -10.43 23.41
H11 MPO U . 15.35 -7.46 19.38
H12 MPO U . 13.96 -6.93 19.87
HO3 MPO U . 14.68 -4.31 21.18
H21 MPO U . 14.92 -6.58 22.05
H22 MPO U . 16.25 -7.17 21.54
H31 MPO U . 13.84 -8.61 21.82
H32 MPO U . 15.10 -9.23 21.12
H41 MPO U . 17.18 -8.47 23.06
H42 MPO U . 17.01 -9.95 22.49
H51 MPO U . 18.09 -9.99 24.58
H52 MPO U . 16.85 -9.25 25.25
H61 MPO U . 14.79 -10.38 25.46
H62 MPO U . 14.67 -11.85 24.88
H71 MPO U . 14.84 -11.06 22.70
H72 MPO U . 13.65 -10.30 23.43
N GLY V . -5.49 -24.36 -15.02
CA GLY V . -5.78 -23.26 -15.97
C GLY V . -7.14 -23.47 -16.65
O GLY V . -8.05 -22.69 -16.32
OXT GLY V . -7.22 -24.40 -17.49
H1 GLY V . -4.69 -24.22 -14.62
H2 GLY V . -5.47 -25.15 -15.46
H3 GLY V . -6.13 -24.40 -14.38
HA2 GLY V . -5.79 -22.41 -15.48
HA3 GLY V . -5.07 -23.23 -16.65
N GLY W . -31.87 -15.45 4.52
CA GLY W . -31.63 -16.91 4.65
C GLY W . -31.01 -17.25 5.99
O GLY W . -30.87 -18.46 6.25
OXT GLY W . -30.67 -16.30 6.73
H1 GLY W . -32.21 -15.27 3.71
H2 GLY W . -31.09 -15.01 4.62
H3 GLY W . -32.46 -15.18 5.16
HA2 GLY W . -32.49 -17.39 4.57
HA3 GLY W . -31.04 -17.21 3.93
N GLY X . -21.43 -32.96 2.84
CA GLY X . -22.39 -32.60 3.90
C GLY X . -21.67 -32.02 5.09
O GLY X . -22.06 -30.91 5.51
OXT GLY X . -20.74 -32.69 5.56
H1 GLY X . -21.87 -33.30 2.12
H2 GLY X . -20.85 -33.59 3.15
H3 GLY X . -20.96 -32.23 2.59
HA2 GLY X . -23.04 -31.96 3.55
HA3 GLY X . -22.89 -33.42 4.17
N GLY Y . -18.66 -33.23 -1.75
CA GLY Y . -18.76 -32.82 -0.34
C GLY Y . -17.83 -33.64 0.53
O GLY Y . -16.61 -33.51 0.33
OXT GLY Y . -18.34 -34.39 1.38
H1 GLY Y . -19.25 -32.78 -2.25
H2 GLY Y . -18.82 -34.12 -1.82
H3 GLY Y . -17.83 -33.06 -2.06
HA2 GLY Y . -18.53 -31.86 -0.26
HA3 GLY Y . -19.69 -32.93 -0.03
MG MG Z . -29.11 -19.61 -12.96
C1 MPD AA . -18.60 -25.81 -10.38
C2 MPD AA . -19.86 -26.27 -9.68
O2 MPD AA . -19.58 -26.29 -8.28
CM MPD AA . -20.20 -27.71 -10.04
C3 MPD AA . -21.03 -25.33 -9.98
C4 MPD AA . -22.29 -25.65 -9.24
O4 MPD AA . -22.03 -25.61 -7.79
C5 MPD AA . -23.38 -24.68 -9.68
H11 MPD AA . -18.35 -24.93 -10.04
H12 MPD AA . -18.77 -25.75 -11.33
H13 MPD AA . -17.89 -26.45 -10.21
HO2 MPD AA . -20.24 -26.59 -7.82
HM1 MPD AA . -20.53 -27.74 -10.96
HM2 MPD AA . -20.89 -28.04 -9.43
HM3 MPD AA . -19.41 -28.25 -9.97
H31 MPD AA . -21.22 -25.36 -10.94
H32 MPD AA . -20.75 -24.41 -9.76
H4 MPD AA . -22.58 -26.57 -9.46
HO4 MPD AA . -22.70 -25.77 -7.30
H51 MPD AA . -24.16 -24.78 -9.10
H52 MPD AA . -23.65 -24.87 -10.60
H53 MPD AA . -23.06 -23.76 -9.63
C1 MPD BA . -13.64 -20.74 -14.44
C2 MPD BA . -13.32 -21.94 -15.31
O2 MPD BA . -12.55 -21.43 -16.42
CM MPD BA . -14.59 -22.57 -15.86
C3 MPD BA . -12.46 -22.97 -14.57
C4 MPD BA . -11.77 -23.87 -15.54
O4 MPD BA . -11.01 -23.03 -16.38
C5 MPD BA . -10.88 -24.92 -14.94
H11 MPD BA . -12.83 -20.27 -14.23
H12 MPD BA . -14.07 -21.05 -13.61
H13 MPD BA . -14.25 -20.15 -14.91
HO2 MPD BA . -12.31 -22.05 -16.89
HM1 MPD BA . -15.09 -22.97 -15.13
HM2 MPD BA . -14.35 -23.25 -16.51
HM3 MPD BA . -15.13 -21.89 -16.28
H31 MPD BA . -13.03 -23.50 -13.98
H32 MPD BA . -11.79 -22.50 -14.03
H4 MPD BA . -12.46 -24.33 -16.09
HO4 MPD BA . -10.68 -23.45 -16.91
H51 MPD BA . -10.54 -25.50 -15.64
H52 MPD BA . -11.38 -25.45 -14.30
H53 MPD BA . -10.14 -24.49 -14.48
S1 MPO CA . -28.05 -9.88 -3.33
O1 MPO CA . -29.43 -10.24 -3.13
O2 MPO CA . -27.34 -9.24 -2.27
O4 MPO CA . -29.05 -16.45 -7.51
N1 MPO CA . -27.73 -14.25 -6.20
C1 MPO CA . -27.16 -11.36 -3.76
O3 MPO CA . -27.90 -9.11 -4.62
C2 MPO CA . -28.00 -12.33 -4.57
C3 MPO CA . -27.20 -13.55 -5.03
C4 MPO CA . -29.19 -14.46 -6.12
C5 MPO CA . -29.70 -15.19 -7.34
C6 MPO CA . -27.64 -16.25 -7.60
C7 MPO CA . -27.07 -15.53 -6.40
H11 MPO CA . -26.86 -11.79 -2.93
H12 MPO CA . -26.36 -11.11 -4.25
HO3 MPO CA . -28.10 -9.54 -5.19
H21 MPO CA . -28.35 -11.89 -5.35
H22 MPO CA . -28.74 -12.64 -4.07
H31 MPO CA . -26.28 -13.26 -5.23
H32 MPO CA . -27.14 -14.18 -4.29
H41 MPO CA . -29.65 -13.59 -6.05
H42 MPO CA . -29.39 -14.98 -5.32
H51 MPO CA . -30.66 -15.33 -7.24
H52 MPO CA . -29.54 -14.64 -8.13
H61 MPO CA . -27.44 -15.75 -8.41
H62 MPO CA . -27.21 -17.13 -7.67
H71 MPO CA . -27.18 -16.08 -5.61
H72 MPO CA . -26.10 -15.38 -6.54
S1 MPO DA . -8.08 -1.79 -21.34
O1 MPO DA . -7.81 -2.92 -22.17
O2 MPO DA . -7.56 -1.94 -20.01
O4 MPO DA . -6.89 1.26 -28.48
N1 MPO DA . -7.26 1.10 -25.64
C1 MPO DA . -7.30 -0.40 -22.09
O3 MPO DA . -9.54 -1.34 -21.37
C2 MPO DA . -7.50 -0.37 -23.60
C3 MPO DA . -6.87 0.86 -24.24
C4 MPO DA . -7.24 -0.08 -26.50
C5 MPO DA . -7.72 0.27 -27.89
C6 MPO DA . -6.85 2.42 -27.66
C7 MPO DA . -6.39 2.11 -26.25
H11 MPO DA . -6.34 -0.43 -21.87
H12 MPO DA . -7.66 0.41 -21.69
HO3 MPO DA . -9.69 -1.04 -22.15
H21 MPO DA . -8.43 -0.39 -23.81
H22 MPO DA . -7.10 -1.15 -23.99
H31 MPO DA . -7.13 1.64 -23.72
H32 MPO DA . -5.91 0.77 -24.19
H41 MPO DA . -7.84 -0.78 -26.12
H42 MPO DA . -6.33 -0.46 -26.55
H51 MPO DA . -7.71 -0.53 -28.45
H52 MPO DA . -8.63 0.60 -27.84
H61 MPO DA . -7.74 2.82 -27.62
H62 MPO DA . -6.24 3.08 -28.06
H71 MPO DA . -5.47 1.79 -26.28
H72 MPO DA . -6.41 2.93 -25.71
#